data_1SBS
#
_entry.id   1SBS
#
_cell.length_a   74.800
_cell.length_b   74.800
_cell.length_c   198.205
_cell.angle_alpha   90.00
_cell.angle_beta   90.00
_cell.angle_gamma   120.00
#
_symmetry.space_group_name_H-M   'P 31 2 1'
#
loop_
_entity.id
_entity.type
_entity.pdbx_description
1 polymer 'MONOCLONAL ANTIBODY 3A2'
2 polymer 'MONOCLONAL ANTIBODY 3A2'
3 non-polymer 'SULFATE ION'
4 water water
#
loop_
_entity_poly.entity_id
_entity_poly.type
_entity_poly.pdbx_seq_one_letter_code
_entity_poly.pdbx_strand_id
1 'polypeptide(L)'
;EVNLEESGGGLVQPGGSMKLSCVASGFTFSNYWMNWVRQSPEKGLEWVADIRLKSNNYATLYAESVKGRFTISRDDSKSS
VYLQMNNLRAEDTGIYYCTRGAYYRYDYAMDYWGQGTSVTVSSAKTTPPSVYPLAPGSAAQTNSMVTLGCLVKGYFPEPV
TVTWNSGSLSSGVHTFPAVLQSDLYTLSSSVTVPSSPRPSETVTCNVAHPASSTKVDKKIVP
;
H
2 'polypeptide(L)'
;DIVMSQSPSSLAVSVGEKVTMTCKSSQSLLYSSNQMNYLAWYQQKPGQSPKLLIYWASTRESGVPDRFTGSGSGTDFTLT
ISSVEAEDLAVYYCQQYHSYPFTFGSGTKLEIKRADAAPTVSIFPPSSEQLTSGGASVVCFLNNFYPKDINVKWKIDGSE
RQNGVLNSWTDQDSKDSTYSMSSTLTLTKDEYERHNSYTCEATHKTSTSPIVKSFNRNEC
;
L
#
loop_
_chem_comp.id
_chem_comp.type
_chem_comp.name
_chem_comp.formula
SO4 non-polymer 'SULFATE ION' 'O4 S -2'
#
# COMPACT_ATOMS: atom_id res chain seq x y z
N GLU A 1 -16.74 13.11 -10.92
CA GLU A 1 -15.50 12.27 -10.90
C GLU A 1 -15.90 10.79 -10.81
N VAL A 2 -15.23 9.96 -11.58
CA VAL A 2 -15.47 8.51 -11.59
C VAL A 2 -14.91 7.92 -10.30
N ASN A 3 -15.68 7.03 -9.66
CA ASN A 3 -15.21 6.37 -8.44
C ASN A 3 -15.70 4.91 -8.43
N LEU A 4 -14.85 4.01 -7.96
CA LEU A 4 -15.17 2.60 -7.82
C LEU A 4 -14.87 2.19 -6.37
N GLU A 5 -15.80 1.66 -5.60
CA GLU A 5 -15.48 1.34 -4.20
C GLU A 5 -15.76 -0.11 -3.86
N GLU A 6 -14.69 -0.88 -3.62
CA GLU A 6 -14.81 -2.29 -3.32
C GLU A 6 -15.09 -2.47 -1.82
N SER A 7 -15.68 -3.61 -1.48
CA SER A 7 -15.92 -3.96 -0.08
C SER A 7 -16.10 -5.49 -0.03
N GLY A 8 -16.16 -6.08 1.16
CA GLY A 8 -16.38 -7.51 1.26
C GLY A 8 -15.19 -8.41 1.51
N GLY A 9 -13.95 -7.94 1.49
CA GLY A 9 -12.83 -8.83 1.76
C GLY A 9 -12.82 -9.23 3.24
N GLY A 10 -11.90 -10.10 3.61
CA GLY A 10 -11.80 -10.53 5.01
C GLY A 10 -11.01 -11.84 4.97
N LEU A 11 -11.17 -12.64 6.00
CA LEU A 11 -10.48 -13.93 6.04
C LEU A 11 -11.50 -15.05 5.85
N VAL A 12 -11.18 -16.05 5.05
CA VAL A 12 -11.98 -17.22 4.79
C VAL A 12 -11.11 -18.48 4.92
N GLN A 13 -11.61 -19.63 5.36
CA GLN A 13 -10.79 -20.85 5.34
C GLN A 13 -10.77 -21.41 3.91
N PRO A 14 -9.75 -22.17 3.56
CA PRO A 14 -9.70 -22.89 2.29
C PRO A 14 -11.00 -23.67 2.11
N GLY A 15 -11.66 -23.61 0.97
CA GLY A 15 -12.92 -24.28 0.73
C GLY A 15 -14.11 -23.37 0.92
N GLY A 16 -13.88 -22.22 1.55
CA GLY A 16 -14.90 -21.27 1.94
C GLY A 16 -15.41 -20.43 0.78
N SER A 17 -16.45 -19.65 1.08
CA SER A 17 -17.06 -18.77 0.11
C SER A 17 -16.99 -17.31 0.59
N MET A 18 -16.98 -16.41 -0.38
CA MET A 18 -16.94 -14.98 -0.07
C MET A 18 -17.41 -14.17 -1.27
N LYS A 19 -18.19 -13.12 -1.02
CA LYS A 19 -18.69 -12.28 -2.11
C LYS A 19 -18.19 -10.85 -1.97
N LEU A 20 -17.58 -10.35 -3.04
CA LEU A 20 -17.06 -9.00 -3.05
C LEU A 20 -18.05 -8.10 -3.78
N SER A 21 -18.16 -6.85 -3.35
CA SER A 21 -19.03 -5.89 -4.00
C SER A 21 -18.19 -4.71 -4.49
N CYS A 22 -18.68 -4.02 -5.51
CA CYS A 22 -18.01 -2.83 -6.03
C CYS A 22 -19.10 -1.86 -6.49
N VAL A 23 -19.23 -0.71 -5.82
CA VAL A 23 -20.24 0.27 -6.17
C VAL A 23 -19.59 1.37 -7.01
N ALA A 24 -20.20 1.70 -8.12
CA ALA A 24 -19.62 2.71 -9.01
C ALA A 24 -20.38 4.04 -8.92
N SER A 25 -19.69 5.14 -9.17
CA SER A 25 -20.35 6.43 -9.25
C SER A 25 -19.61 7.35 -10.22
N GLY A 26 -20.28 8.41 -10.67
CA GLY A 26 -19.68 9.38 -11.56
C GLY A 26 -19.73 9.05 -13.03
N PHE A 27 -20.47 8.05 -13.46
CA PHE A 27 -20.59 7.64 -14.85
C PHE A 27 -21.85 6.77 -15.00
N THR A 28 -22.30 6.55 -16.22
CA THR A 28 -23.47 5.68 -16.43
C THR A 28 -22.95 4.25 -16.40
N PHE A 29 -23.03 3.61 -15.24
CA PHE A 29 -22.51 2.27 -15.00
C PHE A 29 -22.95 1.23 -16.02
N SER A 30 -24.23 1.29 -16.39
CA SER A 30 -24.86 0.46 -17.40
C SER A 30 -24.26 0.40 -18.79
N ASN A 31 -23.56 1.45 -19.18
CA ASN A 31 -22.94 1.51 -20.49
C ASN A 31 -21.54 0.90 -20.57
N TYR A 32 -20.97 0.44 -19.46
CA TYR A 32 -19.60 -0.03 -19.46
C TYR A 32 -19.44 -1.49 -19.04
N TRP A 33 -18.48 -2.15 -19.65
CA TRP A 33 -18.09 -3.49 -19.21
C TRP A 33 -17.32 -3.29 -17.90
N MET A 34 -17.33 -4.31 -17.04
CA MET A 34 -16.61 -4.24 -15.78
C MET A 34 -15.75 -5.50 -15.68
N ASN A 35 -14.69 -5.41 -14.89
CA ASN A 35 -13.78 -6.49 -14.64
C ASN A 35 -13.44 -6.61 -13.14
N TRP A 36 -12.83 -7.72 -12.78
CA TRP A 36 -12.23 -7.95 -11.48
C TRP A 36 -10.78 -8.35 -11.82
N VAL A 37 -9.82 -7.73 -11.15
CA VAL A 37 -8.40 -7.98 -11.33
C VAL A 37 -7.83 -8.25 -9.94
N ARG A 38 -6.88 -9.17 -9.81
CA ARG A 38 -6.35 -9.36 -8.45
C ARG A 38 -4.84 -9.21 -8.47
N GLN A 39 -4.26 -8.97 -7.29
CA GLN A 39 -2.83 -8.72 -7.19
C GLN A 39 -2.29 -9.41 -5.94
N SER A 40 -1.19 -10.13 -6.12
CA SER A 40 -0.51 -10.76 -5.01
C SER A 40 0.99 -10.63 -5.30
N PRO A 41 1.80 -10.70 -4.25
CA PRO A 41 3.25 -10.71 -4.39
C PRO A 41 3.78 -11.81 -5.29
N GLU A 42 3.26 -13.03 -5.22
CA GLU A 42 3.74 -14.16 -5.98
C GLU A 42 3.30 -14.23 -7.44
N LYS A 43 2.13 -13.69 -7.79
CA LYS A 43 1.64 -13.77 -9.14
C LYS A 43 1.53 -12.40 -9.80
N GLY A 44 1.74 -11.31 -9.08
CA GLY A 44 1.61 -9.98 -9.69
C GLY A 44 0.13 -9.72 -9.99
N LEU A 45 -0.14 -8.99 -11.08
CA LEU A 45 -1.51 -8.67 -11.45
C LEU A 45 -2.13 -9.77 -12.31
N GLU A 46 -3.34 -10.18 -11.98
CA GLU A 46 -4.03 -11.19 -12.75
C GLU A 46 -5.46 -10.74 -13.09
N TRP A 47 -5.80 -10.80 -14.37
CA TRP A 47 -7.19 -10.51 -14.75
C TRP A 47 -8.03 -11.72 -14.33
N VAL A 48 -9.14 -11.51 -13.65
CA VAL A 48 -9.92 -12.64 -13.12
C VAL A 48 -11.18 -12.89 -13.95
N ALA A 49 -11.92 -11.81 -14.22
CA ALA A 49 -13.16 -11.97 -14.99
C ALA A 49 -13.69 -10.67 -15.56
N ASP A 50 -14.57 -10.75 -16.57
CA ASP A 50 -15.23 -9.54 -17.05
C ASP A 50 -16.72 -9.80 -17.28
N ILE A 51 -17.48 -8.74 -17.47
CA ILE A 51 -18.92 -8.83 -17.61
C ILE A 51 -19.37 -7.70 -18.54
N ARG A 52 -20.19 -8.07 -19.51
CA ARG A 52 -20.64 -7.08 -20.49
C ARG A 52 -21.98 -6.45 -20.19
N LEU A 53 -22.69 -5.95 -21.19
CA LEU A 53 -23.89 -5.18 -20.97
C LEU A 53 -25.18 -5.99 -21.03
N LYS A 54 -26.26 -5.32 -20.60
CA LYS A 54 -27.58 -5.92 -20.59
C LYS A 54 -27.97 -6.45 -21.97
N SER A 55 -27.64 -5.74 -23.04
CA SER A 55 -27.95 -6.18 -24.40
C SER A 55 -27.07 -7.34 -24.84
N ASN A 56 -26.05 -7.70 -24.06
CA ASN A 56 -25.24 -8.87 -24.38
C ASN A 56 -25.59 -10.01 -23.42
N ASN A 57 -26.72 -9.88 -22.75
CA ASN A 57 -27.17 -10.80 -21.72
C ASN A 57 -26.11 -10.87 -20.61
N TYR A 58 -25.49 -9.74 -20.30
CA TYR A 58 -24.44 -9.71 -19.26
C TYR A 58 -23.40 -10.79 -19.46
N ALA A 59 -22.90 -11.00 -20.68
CA ALA A 59 -21.94 -12.08 -20.96
C ALA A 59 -20.66 -11.98 -20.11
N THR A 60 -20.21 -13.13 -19.60
CA THR A 60 -19.04 -13.15 -18.73
C THR A 60 -17.94 -14.03 -19.27
N LEU A 61 -16.69 -13.69 -18.97
CA LEU A 61 -15.53 -14.50 -19.32
C LEU A 61 -14.60 -14.54 -18.12
N TYR A 62 -13.87 -15.62 -17.92
CA TYR A 62 -13.10 -15.83 -16.69
C TYR A 62 -11.67 -16.26 -16.99
N ALA A 63 -10.78 -16.04 -16.04
CA ALA A 63 -9.47 -16.69 -16.15
C ALA A 63 -9.70 -18.18 -15.84
N GLU A 64 -8.90 -19.04 -16.47
CA GLU A 64 -9.00 -20.47 -16.24
C GLU A 64 -8.88 -20.91 -14.79
N SER A 65 -7.99 -20.28 -14.03
CA SER A 65 -7.80 -20.60 -12.62
C SER A 65 -9.02 -20.39 -11.74
N VAL A 66 -10.02 -19.62 -12.12
CA VAL A 66 -11.19 -19.39 -11.30
C VAL A 66 -12.46 -19.93 -11.92
N LYS A 67 -12.38 -20.33 -13.19
CA LYS A 67 -13.56 -20.77 -13.94
C LYS A 67 -14.26 -21.91 -13.21
N GLY A 68 -15.59 -21.83 -13.08
CA GLY A 68 -16.30 -22.86 -12.31
C GLY A 68 -16.33 -22.59 -10.82
N ARG A 69 -15.53 -21.67 -10.27
CA ARG A 69 -15.54 -21.40 -8.83
C ARG A 69 -16.05 -19.99 -8.52
N PHE A 70 -15.75 -19.04 -9.41
CA PHE A 70 -16.11 -17.64 -9.23
C PHE A 70 -17.18 -17.16 -10.19
N THR A 71 -18.02 -16.26 -9.70
CA THR A 71 -19.06 -15.68 -10.56
C THR A 71 -19.03 -14.16 -10.54
N ILE A 72 -18.89 -13.56 -11.72
CA ILE A 72 -18.91 -12.08 -11.74
C ILE A 72 -20.36 -11.77 -12.14
N SER A 73 -21.00 -10.80 -11.53
CA SER A 73 -22.38 -10.43 -11.82
C SER A 73 -22.50 -8.93 -11.56
N ARG A 74 -23.56 -8.35 -12.10
CA ARG A 74 -23.77 -6.91 -11.92
C ARG A 74 -25.25 -6.64 -11.69
N ASP A 75 -25.51 -5.52 -11.06
CA ASP A 75 -26.85 -5.00 -10.79
C ASP A 75 -26.77 -3.52 -11.20
N ASP A 76 -27.30 -3.23 -12.38
CA ASP A 76 -27.27 -1.90 -12.96
C ASP A 76 -28.10 -0.91 -12.16
N SER A 77 -29.21 -1.35 -11.57
CA SER A 77 -29.99 -0.47 -10.69
C SER A 77 -29.19 -0.01 -9.47
N LYS A 78 -28.22 -0.78 -8.97
CA LYS A 78 -27.41 -0.39 -7.84
C LYS A 78 -26.03 0.14 -8.28
N SER A 79 -25.79 0.18 -9.59
CA SER A 79 -24.50 0.55 -10.15
C SER A 79 -23.35 -0.26 -9.55
N SER A 80 -23.57 -1.56 -9.37
CA SER A 80 -22.60 -2.41 -8.72
C SER A 80 -22.21 -3.64 -9.51
N VAL A 81 -20.95 -4.03 -9.32
CA VAL A 81 -20.45 -5.30 -9.82
C VAL A 81 -20.00 -6.15 -8.64
N TYR A 82 -20.14 -7.46 -8.76
CA TYR A 82 -19.81 -8.38 -7.70
C TYR A 82 -18.94 -9.53 -8.16
N LEU A 83 -18.34 -10.19 -7.18
CA LEU A 83 -17.53 -11.36 -7.41
C LEU A 83 -17.86 -12.39 -6.31
N GLN A 84 -18.60 -13.41 -6.71
CA GLN A 84 -18.97 -14.44 -5.74
C GLN A 84 -18.00 -15.61 -5.86
N MET A 85 -17.18 -15.82 -4.83
CA MET A 85 -16.15 -16.85 -4.89
C MET A 85 -16.47 -18.07 -4.03
N ASN A 86 -16.39 -19.25 -4.64
CA ASN A 86 -16.60 -20.49 -3.91
C ASN A 86 -15.31 -21.30 -3.94
N ASN A 87 -15.27 -22.28 -3.02
CA ASN A 87 -14.16 -23.22 -2.96
C ASN A 87 -12.81 -22.52 -3.03
N LEU A 88 -12.61 -21.56 -2.13
CA LEU A 88 -11.45 -20.69 -2.11
C LEU A 88 -10.20 -21.46 -1.68
N ARG A 89 -9.09 -21.07 -2.29
CA ARG A 89 -7.81 -21.72 -2.03
C ARG A 89 -6.76 -20.70 -1.60
N ALA A 90 -5.68 -21.16 -0.96
CA ALA A 90 -4.60 -20.27 -0.55
C ALA A 90 -4.11 -19.37 -1.66
N GLU A 91 -3.94 -19.81 -2.90
CA GLU A 91 -3.52 -18.98 -4.03
C GLU A 91 -4.57 -17.94 -4.47
N ASP A 92 -5.76 -17.91 -3.90
CA ASP A 92 -6.76 -16.89 -4.18
C ASP A 92 -6.60 -15.70 -3.23
N THR A 93 -5.64 -15.78 -2.31
CA THR A 93 -5.28 -14.67 -1.46
C THR A 93 -4.74 -13.50 -2.28
N GLY A 94 -5.13 -12.29 -1.94
CA GLY A 94 -4.64 -11.09 -2.63
C GLY A 94 -5.61 -9.93 -2.49
N ILE A 95 -5.29 -8.82 -3.18
CA ILE A 95 -6.10 -7.62 -3.20
C ILE A 95 -6.91 -7.68 -4.51
N TYR A 96 -8.22 -7.51 -4.35
CA TYR A 96 -9.09 -7.62 -5.51
C TYR A 96 -9.59 -6.22 -5.87
N TYR A 97 -9.39 -5.89 -7.14
CA TYR A 97 -9.79 -4.62 -7.67
C TYR A 97 -10.94 -4.79 -8.66
N CYS A 98 -11.94 -3.93 -8.56
CA CYS A 98 -12.92 -3.91 -9.65
C CYS A 98 -12.40 -2.80 -10.57
N THR A 99 -12.53 -3.02 -11.87
CA THR A 99 -12.05 -2.07 -12.85
C THR A 99 -13.12 -1.83 -13.92
N ARG A 100 -13.12 -0.60 -14.46
CA ARG A 100 -14.04 -0.27 -15.54
C ARG A 100 -13.33 -0.56 -16.87
N GLY A 101 -13.99 -1.25 -17.78
CA GLY A 101 -13.43 -1.42 -19.13
C GLY A 101 -13.70 -0.16 -19.95
N ALA A 102 -12.73 0.23 -20.78
CA ALA A 102 -12.90 1.45 -21.59
C ALA A 102 -14.18 1.35 -22.41
N TYR A 103 -14.84 2.47 -22.66
CA TYR A 103 -16.09 2.52 -23.40
C TYR A 103 -16.06 1.92 -24.80
N TYR A 104 -15.10 2.27 -25.65
CA TYR A 104 -15.11 1.78 -27.04
C TYR A 104 -15.15 0.27 -27.07
N ARG A 105 -16.07 -0.28 -27.88
CA ARG A 105 -16.31 -1.72 -27.96
C ARG A 105 -15.08 -2.59 -28.03
N TYR A 106 -14.02 -2.25 -28.76
CA TYR A 106 -12.84 -3.13 -28.85
C TYR A 106 -11.63 -2.66 -28.07
N ASP A 107 -11.80 -1.58 -27.31
CA ASP A 107 -10.71 -1.15 -26.39
C ASP A 107 -10.96 -1.89 -25.08
N TYR A 108 -10.18 -2.91 -24.77
CA TYR A 108 -10.45 -3.62 -23.51
C TYR A 108 -9.62 -3.07 -22.35
N ALA A 109 -8.83 -2.03 -22.55
CA ALA A 109 -7.99 -1.48 -21.47
C ALA A 109 -8.85 -1.09 -20.29
N MET A 110 -8.31 -1.10 -19.08
CA MET A 110 -9.12 -0.85 -17.87
C MET A 110 -8.79 0.55 -17.34
N ASP A 111 -9.70 1.49 -17.62
CA ASP A 111 -9.35 2.89 -17.44
C ASP A 111 -9.59 3.40 -16.04
N TYR A 112 -10.33 2.75 -15.15
CA TYR A 112 -10.49 3.25 -13.79
C TYR A 112 -10.51 2.03 -12.87
N TRP A 113 -9.79 2.11 -11.76
CA TRP A 113 -9.66 0.99 -10.83
C TRP A 113 -10.12 1.45 -9.43
N GLY A 114 -10.73 0.57 -8.66
CA GLY A 114 -11.12 0.92 -7.29
C GLY A 114 -9.88 0.84 -6.41
N GLN A 115 -10.04 0.99 -5.11
CA GLN A 115 -8.93 0.97 -4.16
C GLN A 115 -8.53 -0.44 -3.77
N GLY A 116 -9.37 -1.44 -4.06
CA GLY A 116 -9.10 -2.82 -3.82
C GLY A 116 -9.61 -3.25 -2.43
N THR A 117 -9.92 -4.53 -2.30
CA THR A 117 -10.35 -5.12 -1.04
C THR A 117 -9.51 -6.40 -0.89
N SER A 118 -9.08 -6.61 0.33
CA SER A 118 -8.17 -7.70 0.65
C SER A 118 -8.85 -9.01 1.00
N VAL A 119 -8.36 -10.09 0.39
CA VAL A 119 -8.87 -11.43 0.64
C VAL A 119 -7.76 -12.31 1.18
N THR A 120 -8.00 -12.92 2.35
CA THR A 120 -7.01 -13.83 2.92
C THR A 120 -7.62 -15.24 3.01
N VAL A 121 -7.03 -16.21 2.34
CA VAL A 121 -7.58 -17.57 2.48
C VAL A 121 -6.66 -18.29 3.45
N SER A 122 -7.12 -18.56 4.66
CA SER A 122 -6.20 -19.15 5.64
C SER A 122 -6.98 -19.98 6.64
N SER A 123 -6.33 -20.94 7.30
CA SER A 123 -7.06 -21.65 8.35
C SER A 123 -6.82 -20.97 9.70
N ALA A 124 -5.92 -20.00 9.79
CA ALA A 124 -5.71 -19.30 11.07
C ALA A 124 -6.97 -18.57 11.51
N LYS A 125 -7.06 -18.19 12.79
CA LYS A 125 -8.22 -17.49 13.29
C LYS A 125 -8.06 -15.97 13.23
N THR A 126 -9.18 -15.29 13.11
CA THR A 126 -9.19 -13.82 13.14
C THR A 126 -8.93 -13.36 14.57
N THR A 127 -8.07 -12.36 14.73
CA THR A 127 -7.69 -11.80 16.03
C THR A 127 -7.71 -10.28 15.92
N PRO A 128 -8.58 -9.61 16.66
CA PRO A 128 -8.69 -8.17 16.62
C PRO A 128 -7.46 -7.53 17.28
N PRO A 129 -7.14 -6.32 16.88
CA PRO A 129 -6.00 -5.61 17.42
C PRO A 129 -6.26 -5.00 18.80
N SER A 130 -5.19 -4.82 19.56
CA SER A 130 -5.17 -3.87 20.68
C SER A 130 -4.61 -2.56 20.16
N VAL A 131 -5.12 -1.43 20.60
CA VAL A 131 -4.69 -0.13 20.13
C VAL A 131 -4.25 0.76 21.30
N TYR A 132 -3.01 1.21 21.22
CA TYR A 132 -2.39 2.03 22.27
C TYR A 132 -1.97 3.39 21.74
N PRO A 133 -2.31 4.46 22.47
CA PRO A 133 -1.92 5.82 22.14
C PRO A 133 -0.46 6.07 22.48
N LEU A 134 0.25 6.83 21.65
CA LEU A 134 1.66 7.09 21.98
C LEU A 134 1.87 8.60 22.11
N ALA A 135 1.86 9.14 23.33
CA ALA A 135 2.12 10.57 23.50
C ALA A 135 3.59 10.76 23.82
N PRO A 136 4.17 11.91 23.53
CA PRO A 136 5.53 12.23 23.91
C PRO A 136 5.65 12.16 25.43
N GLY A 137 6.84 11.94 25.96
CA GLY A 137 7.09 11.88 27.39
C GLY A 137 6.64 13.14 28.12
N SER A 138 6.71 14.28 27.45
CA SER A 138 6.28 15.54 28.06
C SER A 138 5.39 16.29 27.09
N ALA A 139 4.26 16.82 27.57
CA ALA A 139 3.46 17.66 26.68
C ALA A 139 3.88 19.12 26.82
N ALA A 140 4.55 19.48 27.92
CA ALA A 140 4.97 20.88 28.11
C ALA A 140 6.32 21.20 27.48
N GLN A 141 7.16 20.18 27.24
CA GLN A 141 8.48 20.43 26.64
C GLN A 141 8.36 20.02 25.18
N THR A 142 8.20 21.00 24.32
CA THR A 142 8.04 20.82 22.91
C THR A 142 9.06 21.52 22.04
N ASN A 143 8.88 21.33 20.76
CA ASN A 143 9.56 21.95 19.63
C ASN A 143 8.40 22.54 18.79
N SER A 144 8.67 23.21 17.68
CA SER A 144 7.62 23.75 16.84
C SER A 144 6.67 22.71 16.22
N MET A 145 7.08 21.47 16.10
CA MET A 145 6.22 20.40 15.62
C MET A 145 6.20 19.31 16.71
N VAL A 146 5.11 18.58 16.79
CA VAL A 146 5.04 17.48 17.75
C VAL A 146 4.67 16.22 16.99
N THR A 147 5.27 15.10 17.32
CA THR A 147 4.80 13.88 16.62
C THR A 147 4.16 12.98 17.64
N LEU A 148 3.06 12.39 17.20
CA LEU A 148 2.26 11.52 18.05
C LEU A 148 2.24 10.15 17.37
N GLY A 149 1.91 9.10 18.13
CA GLY A 149 1.90 7.78 17.51
C GLY A 149 0.72 6.95 17.96
N CYS A 150 0.57 5.84 17.23
CA CYS A 150 -0.51 4.90 17.58
C CYS A 150 0.01 3.50 17.33
N LEU A 151 -0.02 2.60 18.30
CA LEU A 151 0.49 1.26 18.21
C LEU A 151 -0.69 0.30 18.05
N VAL A 152 -0.70 -0.45 16.96
CA VAL A 152 -1.82 -1.33 16.63
C VAL A 152 -1.21 -2.73 16.71
N LYS A 153 -1.46 -3.43 17.79
CA LYS A 153 -0.84 -4.70 18.10
C LYS A 153 -1.66 -5.97 18.14
N GLY A 154 -1.02 -7.07 17.73
CA GLY A 154 -1.50 -8.42 17.90
C GLY A 154 -2.74 -8.81 17.13
N TYR A 155 -2.79 -8.47 15.82
CA TYR A 155 -3.99 -8.77 15.05
C TYR A 155 -3.62 -9.77 13.94
N PHE A 156 -4.67 -10.25 13.29
CA PHE A 156 -4.54 -11.16 12.13
C PHE A 156 -5.91 -11.26 11.48
N PRO A 157 -6.02 -11.22 10.16
CA PRO A 157 -4.89 -10.99 9.29
C PRO A 157 -4.74 -9.51 8.98
N GLU A 158 -3.84 -9.21 8.04
CA GLU A 158 -3.75 -7.86 7.49
C GLU A 158 -4.96 -7.73 6.57
N PRO A 159 -5.44 -6.54 6.27
CA PRO A 159 -4.85 -5.32 6.79
C PRO A 159 -5.64 -4.72 7.95
N VAL A 160 -5.11 -3.58 8.35
CA VAL A 160 -5.76 -2.65 9.27
C VAL A 160 -5.73 -1.30 8.60
N THR A 161 -6.69 -0.39 8.83
CA THR A 161 -6.64 0.93 8.24
C THR A 161 -6.48 1.94 9.38
N VAL A 162 -5.42 2.74 9.36
CA VAL A 162 -5.21 3.72 10.42
C VAL A 162 -5.48 5.11 9.82
N THR A 163 -6.19 5.92 10.59
CA THR A 163 -6.50 7.28 10.11
C THR A 163 -6.36 8.17 11.33
N TRP A 164 -6.20 9.46 11.12
CA TRP A 164 -6.06 10.41 12.22
C TRP A 164 -7.16 11.45 12.09
N ASN A 165 -7.88 11.71 13.17
CA ASN A 165 -8.99 12.65 13.18
C ASN A 165 -10.00 12.31 12.07
N SER A 166 -10.28 11.01 11.94
CA SER A 166 -11.21 10.50 10.94
C SER A 166 -10.80 10.80 9.51
N GLY A 167 -9.49 10.91 9.26
CA GLY A 167 -9.00 11.19 7.92
C GLY A 167 -8.82 12.68 7.68
N SER A 168 -9.19 13.55 8.64
CA SER A 168 -9.04 14.99 8.47
C SER A 168 -7.57 15.40 8.54
N LEU A 169 -6.87 14.67 9.41
CA LEU A 169 -5.43 14.88 9.56
C LEU A 169 -4.78 13.89 8.60
N SER A 170 -4.41 14.34 7.40
CA SER A 170 -3.83 13.44 6.41
C SER A 170 -2.38 13.75 6.06
N SER A 171 -1.97 15.01 6.16
CA SER A 171 -0.57 15.33 5.91
C SER A 171 0.26 15.04 7.16
N GLY A 172 1.54 14.73 6.96
CA GLY A 172 2.50 14.44 7.97
C GLY A 172 2.28 13.10 8.65
N VAL A 173 1.60 12.16 7.98
CA VAL A 173 1.31 10.85 8.51
C VAL A 173 2.22 9.80 7.88
N HIS A 174 2.66 8.89 8.73
CA HIS A 174 3.47 7.75 8.29
C HIS A 174 2.91 6.50 8.97
N THR A 175 2.30 5.63 8.18
CA THR A 175 1.78 4.37 8.71
C THR A 175 2.71 3.26 8.21
N PHE A 176 3.43 2.61 9.13
CA PHE A 176 4.48 1.68 8.77
C PHE A 176 3.94 0.29 8.44
N PRO A 177 4.53 -0.41 7.48
CA PRO A 177 4.13 -1.78 7.21
C PRO A 177 4.17 -2.61 8.51
N ALA A 178 3.21 -3.51 8.64
CA ALA A 178 3.09 -4.37 9.82
C ALA A 178 4.22 -5.40 9.87
N VAL A 179 4.58 -5.84 11.06
CA VAL A 179 5.62 -6.85 11.18
C VAL A 179 4.96 -8.07 11.84
N LEU A 180 5.18 -9.21 11.23
CA LEU A 180 4.59 -10.46 11.64
C LEU A 180 5.51 -11.19 12.62
N GLN A 181 4.99 -11.55 13.78
CA GLN A 181 5.73 -12.28 14.78
C GLN A 181 4.80 -13.15 15.62
N SER A 182 5.14 -14.44 15.71
CA SER A 182 4.31 -15.40 16.43
C SER A 182 2.90 -15.37 15.88
N ASP A 183 2.77 -15.41 14.56
CA ASP A 183 1.52 -15.44 13.84
C ASP A 183 0.61 -14.23 14.03
N LEU A 184 1.09 -13.11 14.53
CA LEU A 184 0.27 -11.92 14.74
C LEU A 184 1.01 -10.70 14.23
N TYR A 185 0.25 -9.74 13.71
CA TYR A 185 0.89 -8.54 13.17
C TYR A 185 0.89 -7.39 14.19
N THR A 186 1.86 -6.52 14.04
CA THR A 186 1.92 -5.26 14.78
C THR A 186 2.39 -4.14 13.85
N LEU A 187 1.76 -2.98 13.98
CA LEU A 187 2.16 -1.82 13.20
C LEU A 187 1.99 -0.56 14.07
N SER A 188 2.71 0.46 13.63
CA SER A 188 2.57 1.77 14.27
C SER A 188 2.32 2.81 13.18
N SER A 189 1.76 3.92 13.62
CA SER A 189 1.46 5.05 12.74
C SER A 189 1.90 6.32 13.49
N SER A 190 2.60 7.19 12.77
CA SER A 190 2.96 8.47 13.39
C SER A 190 2.27 9.61 12.65
N VAL A 191 2.03 10.72 13.33
CA VAL A 191 1.44 11.91 12.74
C VAL A 191 2.21 13.09 13.37
N THR A 192 2.63 14.02 12.53
CA THR A 192 3.39 15.17 12.97
C THR A 192 2.56 16.42 12.71
N VAL A 193 2.29 17.17 13.77
CA VAL A 193 1.45 18.36 13.73
C VAL A 193 2.20 19.56 14.32
N PRO A 194 1.80 20.78 13.99
CA PRO A 194 2.42 21.96 14.57
C PRO A 194 2.32 21.84 16.08
N SER A 195 3.17 22.44 16.87
CA SER A 195 3.02 22.53 18.31
C SER A 195 1.73 23.19 18.79
N SER A 196 1.13 24.08 18.04
CA SER A 196 -0.12 24.77 18.33
C SER A 196 -1.39 23.93 18.29
N PRO A 197 -1.44 22.82 17.56
CA PRO A 197 -2.48 21.82 17.58
C PRO A 197 -2.45 20.84 18.74
N ARG A 198 -1.32 20.44 19.32
CA ARG A 198 -1.34 19.51 20.44
C ARG A 198 -0.30 19.86 21.49
N PRO A 199 -0.68 19.87 22.75
CA PRO A 199 -1.95 19.40 23.23
C PRO A 199 -3.16 20.31 23.25
N SER A 200 -3.12 21.44 22.55
CA SER A 200 -4.29 22.34 22.61
C SER A 200 -5.53 21.82 21.89
N GLU A 201 -5.39 20.86 20.99
CA GLU A 201 -6.57 20.28 20.33
C GLU A 201 -6.55 18.77 20.54
N THR A 202 -7.71 18.14 20.36
CA THR A 202 -7.76 16.69 20.49
C THR A 202 -7.19 16.03 19.25
N VAL A 203 -6.39 14.97 19.36
CA VAL A 203 -5.90 14.27 18.18
C VAL A 203 -6.34 12.82 18.43
N THR A 204 -6.99 12.20 17.43
CA THR A 204 -7.46 10.84 17.63
C THR A 204 -6.97 9.84 16.58
N CYS A 205 -6.56 8.68 17.06
CA CYS A 205 -6.13 7.62 16.17
C CYS A 205 -7.35 6.73 15.91
N ASN A 206 -7.65 6.45 14.65
CA ASN A 206 -8.81 5.62 14.32
C ASN A 206 -8.32 4.35 13.63
N VAL A 207 -8.65 3.19 14.19
CA VAL A 207 -8.15 1.93 13.61
C VAL A 207 -9.35 1.10 13.13
N ALA A 208 -9.33 0.70 11.86
CA ALA A 208 -10.33 -0.30 11.44
C ALA A 208 -9.64 -1.63 11.13
N HIS A 209 -10.25 -2.73 11.55
CA HIS A 209 -9.74 -4.07 11.21
C HIS A 209 -10.88 -4.86 10.55
N PRO A 210 -10.99 -4.74 9.23
CA PRO A 210 -12.14 -5.24 8.49
C PRO A 210 -12.45 -6.69 8.76
N ALA A 211 -11.45 -7.55 8.83
CA ALA A 211 -11.66 -8.99 9.03
C ALA A 211 -12.39 -9.30 10.33
N SER A 212 -12.19 -8.51 11.41
CA SER A 212 -12.90 -8.80 12.64
C SER A 212 -14.06 -7.82 12.81
N SER A 213 -14.36 -7.02 11.81
CA SER A 213 -15.42 -6.02 11.91
C SER A 213 -15.27 -5.21 13.21
N THR A 214 -14.11 -4.60 13.37
CA THR A 214 -13.73 -3.87 14.56
C THR A 214 -13.30 -2.45 14.18
N LYS A 215 -13.71 -1.45 14.94
CA LYS A 215 -13.21 -0.09 14.80
C LYS A 215 -12.91 0.38 16.22
N VAL A 216 -11.74 0.94 16.45
CA VAL A 216 -11.29 1.44 17.74
C VAL A 216 -10.81 2.89 17.53
N ASP A 217 -11.28 3.80 18.37
CA ASP A 217 -10.87 5.20 18.34
C ASP A 217 -10.18 5.51 19.67
N LYS A 218 -8.96 6.02 19.59
CA LYS A 218 -8.19 6.32 20.78
C LYS A 218 -7.67 7.76 20.70
N LYS A 219 -8.07 8.59 21.65
CA LYS A 219 -7.55 9.94 21.74
C LYS A 219 -6.10 9.87 22.24
N ILE A 220 -5.25 10.74 21.70
CA ILE A 220 -3.85 10.78 22.14
C ILE A 220 -3.83 11.81 23.27
N VAL A 221 -3.83 11.33 24.50
CA VAL A 221 -3.83 12.31 25.59
C VAL A 221 -2.45 12.36 26.24
N PRO A 222 -2.26 13.68 26.69
CA PRO A 222 -0.99 13.93 27.42
C PRO A 222 -0.76 12.89 28.49
N ASP B 1 -1.98 -18.94 -23.80
CA ASP B 1 -2.03 -17.59 -23.22
C ASP B 1 -0.82 -16.77 -23.67
N ILE B 2 -1.01 -15.47 -23.81
CA ILE B 2 0.15 -14.65 -24.21
C ILE B 2 1.00 -14.34 -22.98
N VAL B 3 2.29 -14.60 -23.07
CA VAL B 3 3.18 -14.33 -21.94
C VAL B 3 3.81 -12.96 -22.12
N MET B 4 3.75 -12.11 -21.09
CA MET B 4 4.32 -10.77 -21.14
C MET B 4 5.56 -10.70 -20.26
N SER B 5 6.66 -10.16 -20.76
CA SER B 5 7.88 -10.11 -19.97
C SER B 5 8.30 -8.64 -19.89
N GLN B 6 8.83 -8.21 -18.77
CA GLN B 6 9.22 -6.79 -18.70
C GLN B 6 10.67 -6.75 -18.22
N SER B 7 11.35 -5.67 -18.57
CA SER B 7 12.73 -5.45 -18.15
C SER B 7 12.99 -3.94 -18.08
N PRO B 8 13.88 -3.54 -17.17
CA PRO B 8 14.47 -4.39 -16.17
C PRO B 8 13.50 -4.67 -15.03
N SER B 9 13.81 -5.51 -14.04
CA SER B 9 12.87 -5.66 -12.92
C SER B 9 12.80 -4.41 -12.07
N SER B 10 13.89 -3.65 -11.94
CA SER B 10 13.84 -2.38 -11.24
C SER B 10 14.95 -1.47 -11.74
N LEU B 11 14.72 -0.17 -11.54
CA LEU B 11 15.67 0.82 -12.02
C LEU B 11 15.72 1.92 -10.95
N ALA B 12 16.87 2.54 -10.77
CA ALA B 12 16.97 3.64 -9.81
C ALA B 12 17.59 4.84 -10.54
N VAL B 13 16.90 5.96 -10.49
CA VAL B 13 17.36 7.13 -11.26
C VAL B 13 17.12 8.42 -10.51
N SER B 14 17.93 9.44 -10.81
CA SER B 14 17.69 10.71 -10.12
C SER B 14 16.77 11.58 -10.93
N VAL B 15 16.10 12.53 -10.29
CA VAL B 15 15.16 13.42 -10.98
C VAL B 15 15.84 14.04 -12.19
N GLY B 16 15.13 14.12 -13.30
CA GLY B 16 15.61 14.74 -14.52
C GLY B 16 16.22 13.78 -15.52
N GLU B 17 16.50 12.54 -15.11
CA GLU B 17 17.11 11.57 -16.03
C GLU B 17 16.04 10.93 -16.92
N LYS B 18 16.52 10.35 -18.00
CA LYS B 18 15.63 9.67 -18.94
C LYS B 18 15.54 8.20 -18.54
N VAL B 19 14.33 7.62 -18.55
CA VAL B 19 14.29 6.18 -18.31
C VAL B 19 13.57 5.50 -19.49
N THR B 20 14.11 4.30 -19.73
CA THR B 20 13.56 3.43 -20.77
C THR B 20 13.22 2.09 -20.15
N MET B 21 12.03 1.56 -20.39
CA MET B 21 11.76 0.20 -19.84
C MET B 21 10.99 -0.52 -20.97
N THR B 22 11.20 -1.81 -21.04
CA THR B 22 10.65 -2.59 -22.13
C THR B 22 9.67 -3.66 -21.68
N CYS B 23 8.85 -4.07 -22.62
CA CYS B 23 7.81 -5.08 -22.42
C CYS B 23 7.77 -5.97 -23.67
N LYS B 24 7.92 -7.28 -23.53
CA LYS B 24 7.88 -8.15 -24.69
C LYS B 24 6.69 -9.11 -24.56
N SER B 25 6.07 -9.47 -25.68
CA SER B 25 4.96 -10.42 -25.64
C SER B 25 5.39 -11.70 -26.38
N SER B 26 4.78 -12.84 -26.04
CA SER B 26 5.19 -14.10 -26.68
C SER B 26 4.71 -14.22 -28.11
N GLN B 27 3.72 -13.40 -28.50
CA GLN B 27 3.30 -13.35 -29.90
C GLN B 27 2.83 -11.91 -30.16
N SER B 28 2.69 -11.52 -31.41
CA SER B 28 2.30 -10.17 -31.77
C SER B 28 1.01 -9.67 -31.12
N LEU B 29 1.02 -8.41 -30.66
CA LEU B 29 -0.18 -7.78 -30.14
C LEU B 29 -0.89 -6.92 -31.19
N LEU B 30 -0.39 -6.93 -32.40
CA LEU B 30 -0.98 -6.12 -33.48
C LEU B 30 -2.26 -6.75 -34.02
N TYR B 31 -3.23 -5.99 -34.47
CA TYR B 31 -4.30 -6.46 -35.34
C TYR B 31 -3.91 -5.86 -36.70
N SER B 32 -3.55 -6.71 -37.67
CA SER B 32 -3.12 -6.20 -38.97
C SER B 32 -4.19 -5.36 -39.64
N SER B 33 -5.46 -5.77 -39.54
CA SER B 33 -6.54 -5.02 -40.16
C SER B 33 -6.62 -3.56 -39.74
N ASN B 34 -6.48 -3.25 -38.46
CA ASN B 34 -6.61 -1.86 -38.02
C ASN B 34 -5.28 -1.21 -37.68
N GLN B 35 -4.18 -1.93 -37.73
CA GLN B 35 -2.84 -1.46 -37.44
C GLN B 35 -2.67 -0.91 -36.03
N MET B 36 -3.44 -1.44 -35.07
CA MET B 36 -3.29 -1.05 -33.68
C MET B 36 -2.72 -2.22 -32.86
N ASN B 37 -1.86 -1.88 -31.93
CA ASN B 37 -1.25 -2.82 -30.99
C ASN B 37 -2.08 -2.77 -29.71
N TYR B 38 -2.59 -3.94 -29.31
CA TYR B 38 -3.54 -4.08 -28.22
C TYR B 38 -2.73 -4.25 -26.94
N LEU B 39 -2.12 -3.14 -26.51
CA LEU B 39 -1.22 -3.09 -25.39
C LEU B 39 -1.40 -1.85 -24.54
N ALA B 40 -1.45 -2.09 -23.23
CA ALA B 40 -1.63 -1.00 -22.29
C ALA B 40 -0.46 -0.93 -21.30
N TRP B 41 -0.21 0.28 -20.78
CA TRP B 41 0.74 0.49 -19.70
C TRP B 41 -0.03 1.08 -18.49
N TYR B 42 0.23 0.54 -17.31
CA TYR B 42 -0.34 0.99 -16.07
C TYR B 42 0.80 1.46 -15.13
N GLN B 43 0.49 2.43 -14.31
CA GLN B 43 1.38 2.95 -13.29
C GLN B 43 0.75 2.67 -11.92
N GLN B 44 1.52 2.12 -10.98
CA GLN B 44 0.99 1.87 -9.65
C GLN B 44 1.92 2.53 -8.62
N LYS B 45 1.53 3.72 -8.17
CA LYS B 45 2.31 4.41 -7.13
C LYS B 45 2.12 3.69 -5.78
N PRO B 46 3.11 3.80 -4.90
CA PRO B 46 3.09 3.14 -3.60
C PRO B 46 1.80 3.43 -2.87
N GLY B 47 1.11 2.38 -2.45
CA GLY B 47 -0.10 2.46 -1.66
C GLY B 47 -1.37 2.76 -2.42
N GLN B 48 -1.30 2.70 -3.75
CA GLN B 48 -2.41 3.03 -4.60
C GLN B 48 -2.68 1.86 -5.56
N SER B 49 -3.83 1.93 -6.19
CA SER B 49 -4.12 0.91 -7.22
C SER B 49 -3.46 1.35 -8.53
N PRO B 50 -3.30 0.43 -9.47
CA PRO B 50 -2.78 0.73 -10.78
C PRO B 50 -3.67 1.77 -11.45
N LYS B 51 -3.09 2.60 -12.30
CA LYS B 51 -3.81 3.60 -13.06
C LYS B 51 -3.40 3.47 -14.54
N LEU B 52 -4.36 3.60 -15.45
CA LEU B 52 -4.08 3.43 -16.87
C LEU B 52 -3.23 4.59 -17.38
N LEU B 53 -2.05 4.37 -17.91
CA LEU B 53 -1.26 5.45 -18.45
C LEU B 53 -1.45 5.58 -19.97
N ILE B 54 -1.20 4.44 -20.61
CA ILE B 54 -1.24 4.35 -22.07
C ILE B 54 -2.02 3.17 -22.59
N TYR B 55 -2.69 3.32 -23.73
CA TYR B 55 -3.43 2.23 -24.36
C TYR B 55 -3.23 2.34 -25.88
N TRP B 56 -3.51 1.26 -26.61
CA TRP B 56 -3.21 1.16 -28.03
C TRP B 56 -1.70 1.42 -28.20
N ALA B 57 -0.87 0.98 -27.26
CA ALA B 57 0.57 1.10 -27.22
C ALA B 57 1.13 2.52 -27.07
N SER B 58 0.56 3.57 -27.63
CA SER B 58 1.16 4.90 -27.55
C SER B 58 0.14 6.02 -27.34
N THR B 59 -1.13 5.67 -27.15
CA THR B 59 -2.10 6.73 -26.85
C THR B 59 -2.15 6.98 -25.35
N ARG B 60 -1.92 8.23 -24.93
CA ARG B 60 -1.99 8.53 -23.50
C ARG B 60 -3.44 8.74 -23.05
N GLU B 61 -3.69 8.29 -21.82
CA GLU B 61 -4.97 8.55 -21.16
C GLU B 61 -4.96 10.00 -20.72
N SER B 62 -6.11 10.62 -20.67
CA SER B 62 -6.30 11.98 -20.19
C SER B 62 -5.60 12.23 -18.86
N GLY B 63 -4.92 13.35 -18.67
CA GLY B 63 -4.22 13.61 -17.42
C GLY B 63 -2.77 13.13 -17.37
N VAL B 64 -2.35 12.23 -18.24
CA VAL B 64 -0.99 11.71 -18.21
C VAL B 64 -0.04 12.70 -18.86
N PRO B 65 1.02 13.09 -18.18
CA PRO B 65 2.00 14.01 -18.70
C PRO B 65 2.63 13.50 -19.98
N ASP B 66 3.03 14.43 -20.87
CA ASP B 66 3.66 13.98 -22.12
C ASP B 66 5.12 13.64 -21.94
N ARG B 67 5.67 13.65 -20.72
CA ARG B 67 6.94 13.05 -20.41
C ARG B 67 6.88 11.53 -20.59
N PHE B 68 5.72 10.91 -20.48
CA PHE B 68 5.54 9.49 -20.70
C PHE B 68 5.24 9.23 -22.17
N THR B 69 6.02 8.36 -22.80
CA THR B 69 5.71 7.99 -24.19
C THR B 69 5.78 6.48 -24.36
N GLY B 70 4.67 5.93 -24.86
CA GLY B 70 4.67 4.49 -25.17
C GLY B 70 5.05 4.30 -26.64
N SER B 71 5.86 3.29 -26.94
CA SER B 71 6.22 3.07 -28.35
C SER B 71 6.43 1.59 -28.63
N GLY B 72 6.74 1.25 -29.87
CA GLY B 72 7.00 -0.15 -30.21
C GLY B 72 5.81 -0.79 -30.92
N SER B 73 5.94 -2.05 -31.33
CA SER B 73 4.89 -2.71 -32.10
C SER B 73 5.12 -4.21 -32.09
N GLY B 74 4.06 -4.97 -32.39
CA GLY B 74 4.20 -6.41 -32.54
C GLY B 74 4.54 -7.08 -31.21
N THR B 75 5.78 -7.48 -30.98
CA THR B 75 6.11 -8.18 -29.74
C THR B 75 6.99 -7.34 -28.84
N ASP B 76 7.47 -6.17 -29.29
CA ASP B 76 8.42 -5.40 -28.48
C ASP B 76 8.00 -3.97 -28.28
N PHE B 77 7.71 -3.65 -27.00
CA PHE B 77 7.22 -2.35 -26.61
C PHE B 77 8.15 -1.65 -25.61
N THR B 78 8.05 -0.33 -25.61
CA THR B 78 8.87 0.53 -24.75
C THR B 78 8.03 1.63 -24.11
N LEU B 79 8.30 1.84 -22.82
CA LEU B 79 7.75 2.98 -22.12
C LEU B 79 8.96 3.85 -21.79
N THR B 80 8.95 5.09 -22.27
CA THR B 80 10.01 6.03 -21.97
C THR B 80 9.48 7.18 -21.12
N ILE B 81 10.28 7.58 -20.14
CA ILE B 81 10.00 8.77 -19.33
C ILE B 81 11.14 9.73 -19.69
N SER B 82 10.78 10.84 -20.36
CA SER B 82 11.86 11.68 -20.91
C SER B 82 12.74 12.30 -19.84
N SER B 83 12.11 12.83 -18.80
CA SER B 83 12.81 13.43 -17.68
C SER B 83 12.03 12.98 -16.43
N VAL B 84 12.56 12.05 -15.68
CA VAL B 84 11.84 11.47 -14.53
C VAL B 84 11.62 12.48 -13.42
N GLU B 85 10.44 12.45 -12.82
CA GLU B 85 10.13 13.29 -11.66
C GLU B 85 9.90 12.41 -10.44
N ALA B 86 10.08 12.98 -9.24
CA ALA B 86 9.91 12.25 -7.98
C ALA B 86 8.57 11.56 -7.90
N GLU B 87 7.50 12.19 -8.39
CA GLU B 87 6.18 11.61 -8.40
C GLU B 87 5.99 10.46 -9.37
N ASP B 88 6.96 10.15 -10.22
CA ASP B 88 6.87 9.00 -11.11
C ASP B 88 7.26 7.72 -10.40
N LEU B 89 7.69 7.80 -9.14
CA LEU B 89 8.05 6.65 -8.31
C LEU B 89 6.89 5.65 -8.39
N ALA B 90 7.09 4.43 -8.83
CA ALA B 90 5.98 3.52 -9.10
C ALA B 90 6.49 2.21 -9.68
N VAL B 91 5.58 1.22 -9.70
CA VAL B 91 5.83 0.02 -10.50
C VAL B 91 5.04 0.21 -11.81
N TYR B 92 5.67 -0.02 -12.95
CA TYR B 92 5.03 0.11 -14.25
C TYR B 92 4.74 -1.27 -14.83
N TYR B 93 3.48 -1.54 -15.19
CA TYR B 93 3.10 -2.81 -15.76
C TYR B 93 2.61 -2.70 -17.19
N CYS B 94 2.95 -3.65 -18.04
CA CYS B 94 2.34 -3.63 -19.37
C CYS B 94 1.27 -4.74 -19.36
N GLN B 95 0.32 -4.62 -20.29
CA GLN B 95 -0.73 -5.63 -20.32
C GLN B 95 -1.21 -5.81 -21.76
N GLN B 96 -1.33 -7.05 -22.19
CA GLN B 96 -1.86 -7.26 -23.55
C GLN B 96 -3.37 -7.43 -23.44
N TYR B 97 -4.08 -6.94 -24.44
CA TYR B 97 -5.52 -7.20 -24.55
C TYR B 97 -5.83 -7.57 -26.00
N HIS B 98 -4.86 -8.21 -26.67
CA HIS B 98 -5.07 -8.73 -28.02
C HIS B 98 -6.01 -9.96 -27.97
N SER B 99 -5.81 -10.77 -26.91
CA SER B 99 -6.55 -11.99 -26.72
C SER B 99 -6.89 -12.25 -25.24
N TYR B 100 -7.98 -12.99 -25.03
CA TYR B 100 -8.29 -13.45 -23.67
C TYR B 100 -7.47 -14.72 -23.47
N PRO B 101 -7.03 -15.03 -22.25
CA PRO B 101 -7.22 -14.17 -21.10
C PRO B 101 -6.29 -12.96 -21.21
N PHE B 102 -6.70 -11.82 -20.69
CA PHE B 102 -5.82 -10.65 -20.66
C PHE B 102 -4.67 -10.91 -19.72
N THR B 103 -3.43 -10.61 -20.09
CA THR B 103 -2.31 -10.94 -19.21
C THR B 103 -1.37 -9.75 -18.98
N PHE B 104 -0.72 -9.74 -17.83
CA PHE B 104 0.18 -8.66 -17.45
C PHE B 104 1.64 -9.11 -17.38
N GLY B 105 2.53 -8.16 -17.58
CA GLY B 105 3.96 -8.38 -17.33
C GLY B 105 4.19 -8.27 -15.82
N SER B 106 5.41 -8.57 -15.36
CA SER B 106 5.67 -8.61 -13.93
C SER B 106 6.04 -7.25 -13.36
N GLY B 107 6.18 -6.23 -14.18
CA GLY B 107 6.47 -4.89 -13.69
C GLY B 107 7.92 -4.47 -13.63
N THR B 108 8.10 -3.16 -13.82
CA THR B 108 9.40 -2.51 -13.69
C THR B 108 9.22 -1.52 -12.52
N LYS B 109 9.94 -1.75 -11.44
CA LYS B 109 9.83 -0.86 -10.28
C LYS B 109 10.77 0.34 -10.48
N LEU B 110 10.21 1.53 -10.50
CA LEU B 110 11.05 2.73 -10.70
C LEU B 110 11.37 3.29 -9.31
N GLU B 111 12.62 3.41 -8.94
CA GLU B 111 13.03 4.02 -7.67
C GLU B 111 13.75 5.33 -7.92
N ILE B 112 13.70 6.23 -6.92
CA ILE B 112 14.26 7.58 -7.12
C ILE B 112 15.46 7.80 -6.22
N LYS B 113 16.57 8.20 -6.86
CA LYS B 113 17.77 8.59 -6.14
C LYS B 113 17.64 10.08 -5.81
N ARG B 114 18.09 10.48 -4.63
CA ARG B 114 18.01 11.86 -4.20
C ARG B 114 19.15 12.19 -3.23
N ALA B 115 19.21 13.43 -2.78
CA ALA B 115 20.24 13.89 -1.85
C ALA B 115 20.08 13.24 -0.47
N ASP B 116 21.19 13.01 0.21
CA ASP B 116 21.09 12.49 1.57
C ASP B 116 20.22 13.42 2.41
N ALA B 117 19.43 12.83 3.32
CA ALA B 117 18.60 13.63 4.23
C ALA B 117 18.63 12.95 5.59
N ALA B 118 18.82 13.74 6.64
CA ALA B 118 18.84 13.20 8.00
C ALA B 118 17.40 13.02 8.47
N PRO B 119 17.14 12.01 9.29
CA PRO B 119 15.85 11.74 9.86
C PRO B 119 15.44 12.77 10.90
N THR B 120 14.14 12.84 11.13
CA THR B 120 13.53 13.57 12.26
C THR B 120 13.16 12.45 13.23
N VAL B 121 13.80 12.43 14.37
CA VAL B 121 13.62 11.33 15.32
C VAL B 121 12.75 11.68 16.51
N SER B 122 11.85 10.78 16.90
CA SER B 122 10.92 10.99 17.99
C SER B 122 10.87 9.70 18.81
N ILE B 123 10.98 9.79 20.12
CA ILE B 123 10.95 8.56 20.93
C ILE B 123 9.76 8.60 21.88
N PHE B 124 9.12 7.45 22.08
CA PHE B 124 7.95 7.37 22.93
C PHE B 124 8.07 6.25 23.94
N PRO B 125 7.83 6.54 25.22
CA PRO B 125 7.84 5.49 26.23
C PRO B 125 6.63 4.59 25.95
N PRO B 126 6.59 3.39 26.48
CA PRO B 126 5.48 2.48 26.33
C PRO B 126 4.20 3.17 26.80
N SER B 127 3.11 2.89 26.11
CA SER B 127 1.80 3.38 26.55
C SER B 127 1.51 2.85 27.96
N SER B 128 0.95 3.66 28.85
CA SER B 128 0.63 3.14 30.20
C SER B 128 -0.45 2.08 30.10
N GLU B 129 -1.39 2.22 29.15
CA GLU B 129 -2.39 1.15 28.94
C GLU B 129 -1.75 -0.14 28.49
N GLN B 130 -0.70 -0.10 27.67
CA GLN B 130 -0.02 -1.32 27.26
C GLN B 130 0.62 -2.01 28.47
N LEU B 131 1.12 -1.20 29.40
CA LEU B 131 1.73 -1.77 30.60
C LEU B 131 0.70 -2.57 31.39
N THR B 132 -0.60 -2.21 31.36
CA THR B 132 -1.62 -3.00 32.02
C THR B 132 -1.72 -4.42 31.46
N SER B 133 -1.26 -4.67 30.24
CA SER B 133 -1.29 -6.02 29.67
C SER B 133 0.01 -6.76 29.89
N GLY B 134 1.00 -6.12 30.53
CA GLY B 134 2.26 -6.76 30.85
C GLY B 134 3.35 -6.57 29.81
N GLY B 135 3.06 -5.89 28.70
CA GLY B 135 4.07 -5.71 27.65
C GLY B 135 4.52 -4.25 27.60
N ALA B 136 5.75 -4.00 27.14
CA ALA B 136 6.22 -2.61 27.07
C ALA B 136 6.91 -2.36 25.74
N SER B 137 6.24 -1.68 24.82
CA SER B 137 6.88 -1.40 23.53
C SER B 137 7.33 0.06 23.53
N VAL B 138 8.65 0.23 23.50
CA VAL B 138 9.23 1.56 23.38
C VAL B 138 9.36 1.85 21.88
N VAL B 139 8.80 2.96 21.43
CA VAL B 139 8.81 3.22 19.99
C VAL B 139 9.64 4.41 19.57
N CYS B 140 10.32 4.24 18.44
CA CYS B 140 11.08 5.36 17.88
C CYS B 140 10.77 5.50 16.40
N PHE B 141 10.46 6.71 15.94
CA PHE B 141 10.17 6.99 14.55
C PHE B 141 11.35 7.76 13.96
N LEU B 142 11.84 7.37 12.80
CA LEU B 142 12.93 8.04 12.09
C LEU B 142 12.30 8.44 10.75
N ASN B 143 11.89 9.71 10.67
CA ASN B 143 11.09 10.13 9.54
C ASN B 143 11.83 10.98 8.50
N ASN B 144 11.47 10.72 7.27
CA ASN B 144 11.91 11.46 6.10
C ASN B 144 13.43 11.58 5.96
N PHE B 145 14.08 10.44 5.79
CA PHE B 145 15.53 10.41 5.61
C PHE B 145 15.87 9.75 4.27
N TYR B 146 17.15 9.76 3.91
CA TYR B 146 17.66 9.11 2.69
C TYR B 146 19.17 9.11 2.84
N PRO B 147 19.88 8.05 2.48
CA PRO B 147 19.31 6.88 1.83
C PRO B 147 18.58 5.96 2.78
N LYS B 148 18.09 4.84 2.24
CA LYS B 148 17.31 3.87 2.98
C LYS B 148 18.06 3.18 4.11
N ASP B 149 19.33 2.85 3.88
CA ASP B 149 20.06 2.11 4.92
C ASP B 149 20.56 3.14 5.94
N ILE B 150 19.85 3.14 7.05
CA ILE B 150 20.16 4.01 8.18
C ILE B 150 20.34 3.01 9.31
N ASN B 151 21.10 3.38 10.32
CA ASN B 151 21.31 2.49 11.45
C ASN B 151 20.62 3.06 12.68
N VAL B 152 19.77 2.25 13.30
CA VAL B 152 19.06 2.63 14.51
C VAL B 152 19.68 1.84 15.66
N LYS B 153 20.05 2.56 16.70
CA LYS B 153 20.63 1.85 17.84
C LYS B 153 19.83 2.20 19.09
N TRP B 154 19.42 1.18 19.83
CA TRP B 154 18.72 1.39 21.08
C TRP B 154 19.74 1.31 22.23
N LYS B 155 19.64 2.18 23.23
CA LYS B 155 20.46 2.04 24.42
C LYS B 155 19.55 2.09 25.66
N ILE B 156 19.84 1.18 26.58
CA ILE B 156 19.13 1.14 27.85
C ILE B 156 20.16 1.42 28.95
N ASP B 157 19.88 2.47 29.70
CA ASP B 157 20.71 2.89 30.80
C ASP B 157 22.12 3.17 30.29
N GLY B 158 21.98 4.24 29.52
CA GLY B 158 22.99 5.11 28.97
C GLY B 158 24.13 4.26 28.48
N SER B 159 23.96 3.93 27.22
CA SER B 159 24.98 3.27 26.43
C SER B 159 25.01 1.81 26.73
N GLU B 160 23.97 1.18 27.29
CA GLU B 160 24.07 -0.29 27.15
C GLU B 160 23.20 -0.55 25.90
N ARG B 161 23.87 -0.72 24.78
CA ARG B 161 23.14 -0.98 23.53
C ARG B 161 22.26 -2.22 23.67
N GLN B 162 21.03 -2.20 23.18
CA GLN B 162 20.13 -3.35 23.28
C GLN B 162 19.62 -3.84 21.93
N ASN B 163 19.26 -5.14 21.79
CA ASN B 163 18.73 -5.68 20.53
C ASN B 163 17.41 -6.39 20.38
N GLY B 164 16.38 -6.63 21.20
CA GLY B 164 15.08 -7.26 20.79
C GLY B 164 14.02 -6.33 20.17
N VAL B 165 14.48 -5.72 19.10
CA VAL B 165 14.00 -4.64 18.29
C VAL B 165 13.35 -5.12 17.00
N LEU B 166 12.24 -4.48 16.61
CA LEU B 166 11.65 -4.76 15.29
C LEU B 166 11.58 -3.44 14.51
N ASN B 167 12.14 -3.45 13.31
CA ASN B 167 12.24 -2.29 12.45
C ASN B 167 11.38 -2.43 11.19
N SER B 168 10.78 -1.34 10.77
CA SER B 168 9.91 -1.40 9.58
C SER B 168 10.01 -0.13 8.77
N TRP B 169 10.42 -0.21 7.52
CA TRP B 169 10.58 0.92 6.61
C TRP B 169 9.34 1.12 5.74
N THR B 170 8.97 2.37 5.54
CA THR B 170 7.92 2.69 4.56
C THR B 170 8.48 2.47 3.15
N ASP B 171 7.62 2.58 2.16
CA ASP B 171 8.06 2.80 0.79
C ASP B 171 8.65 4.21 0.69
N GLN B 172 9.33 4.47 -0.45
CA GLN B 172 9.79 5.82 -0.71
C GLN B 172 8.59 6.76 -0.84
N ASP B 173 8.76 7.99 -0.41
CA ASP B 173 7.70 8.99 -0.53
C ASP B 173 7.55 9.43 -1.99
N SER B 174 6.31 9.59 -2.45
CA SER B 174 6.00 10.06 -3.78
C SER B 174 6.39 11.52 -4.03
N LYS B 175 6.38 12.31 -2.97
CA LYS B 175 6.74 13.73 -3.14
C LYS B 175 8.20 14.07 -2.94
N ASP B 176 8.83 13.58 -1.87
CA ASP B 176 10.21 13.96 -1.58
C ASP B 176 11.22 12.84 -1.69
N SER B 177 10.78 11.63 -2.05
CA SER B 177 11.59 10.46 -2.23
C SER B 177 12.32 10.00 -0.97
N THR B 178 11.89 10.43 0.23
CA THR B 178 12.57 9.93 1.42
C THR B 178 11.87 8.64 1.87
N TYR B 179 12.44 8.02 2.87
CA TYR B 179 11.93 6.87 3.57
C TYR B 179 11.64 7.34 5.00
N SER B 180 10.81 6.57 5.67
CA SER B 180 10.58 6.76 7.10
C SER B 180 10.66 5.35 7.69
N MET B 181 10.91 5.28 9.00
CA MET B 181 11.02 3.97 9.62
C MET B 181 10.72 4.02 11.12
N SER B 182 10.05 2.97 11.53
CA SER B 182 9.68 2.79 12.93
C SER B 182 10.63 1.75 13.54
N SER B 183 11.13 2.02 14.74
CA SER B 183 11.95 1.03 15.42
C SER B 183 11.24 0.79 16.76
N THR B 184 10.90 -0.46 17.04
CA THR B 184 10.14 -0.79 18.23
C THR B 184 10.91 -1.84 19.06
N LEU B 185 11.19 -1.44 20.28
CA LEU B 185 11.86 -2.26 21.30
C LEU B 185 10.79 -2.76 22.26
N THR B 186 10.53 -4.06 22.28
CA THR B 186 9.50 -4.58 23.17
C THR B 186 10.11 -5.42 24.29
N LEU B 187 9.80 -5.06 25.51
CA LEU B 187 10.32 -5.79 26.67
C LEU B 187 9.12 -6.18 27.53
N THR B 188 9.32 -6.90 28.62
CA THR B 188 8.20 -7.11 29.55
C THR B 188 8.12 -5.81 30.36
N LYS B 189 7.00 -5.61 31.02
CA LYS B 189 6.86 -4.45 31.91
C LYS B 189 7.89 -4.49 33.03
N ASP B 190 8.14 -5.66 33.62
CA ASP B 190 9.11 -5.78 34.71
C ASP B 190 10.52 -5.43 34.25
N GLU B 191 10.95 -5.88 33.08
CA GLU B 191 12.26 -5.47 32.58
C GLU B 191 12.31 -3.99 32.26
N TYR B 192 11.22 -3.45 31.71
CA TYR B 192 11.14 -2.04 31.37
C TYR B 192 11.31 -1.21 32.64
N GLU B 193 10.68 -1.67 33.71
CA GLU B 193 10.70 -0.98 35.01
C GLU B 193 11.95 -1.18 35.85
N ARG B 194 12.92 -1.93 35.37
CA ARG B 194 14.23 -2.04 36.02
C ARG B 194 15.23 -1.01 35.54
N HIS B 195 14.91 -0.19 34.53
CA HIS B 195 15.88 0.77 34.00
C HIS B 195 15.31 2.16 33.88
N ASN B 196 16.17 3.18 33.82
CA ASN B 196 15.67 4.55 33.85
C ASN B 196 15.69 5.21 32.48
N SER B 197 16.86 5.15 31.84
CA SER B 197 17.09 5.86 30.60
C SER B 197 16.94 5.00 29.36
N TYR B 198 16.18 5.50 28.39
CA TYR B 198 15.87 4.82 27.14
C TYR B 198 16.23 5.79 26.03
N THR B 199 17.14 5.39 25.14
CA THR B 199 17.56 6.25 24.05
C THR B 199 17.54 5.56 22.69
N CYS B 200 17.15 6.30 21.68
CA CYS B 200 17.08 5.84 20.29
C CYS B 200 18.06 6.71 19.50
N GLU B 201 19.01 6.11 18.80
CA GLU B 201 20.02 6.86 18.05
C GLU B 201 20.02 6.49 16.56
N ALA B 202 20.06 7.51 15.70
CA ALA B 202 20.11 7.24 14.26
C ALA B 202 21.48 7.64 13.74
N THR B 203 22.15 6.72 13.06
CA THR B 203 23.38 7.05 12.35
C THR B 203 23.33 6.45 10.93
N HIS B 204 24.21 6.98 10.09
CA HIS B 204 24.40 6.44 8.75
C HIS B 204 25.84 6.75 8.34
N LYS B 205 26.70 5.74 8.40
CA LYS B 205 28.11 5.84 8.06
C LYS B 205 28.58 7.28 7.92
N THR B 206 28.89 7.91 9.08
CA THR B 206 29.32 9.29 9.10
C THR B 206 30.28 9.61 10.24
N SER B 207 30.88 10.80 10.09
CA SER B 207 31.79 11.39 11.08
C SER B 207 30.88 12.30 11.93
N THR B 208 29.75 12.61 11.30
CA THR B 208 28.61 13.30 11.85
C THR B 208 27.99 12.52 13.01
N SER B 209 27.75 13.24 14.09
CA SER B 209 27.15 12.65 15.28
C SER B 209 25.75 12.11 15.01
N PRO B 210 25.41 11.05 15.75
CA PRO B 210 24.09 10.46 15.67
C PRO B 210 23.04 11.49 16.08
N ILE B 211 21.82 11.34 15.58
CA ILE B 211 20.69 12.11 16.13
C ILE B 211 20.23 11.27 17.32
N VAL B 212 20.21 11.83 18.51
CA VAL B 212 19.83 11.05 19.71
C VAL B 212 18.55 11.58 20.35
N LYS B 213 17.62 10.71 20.71
CA LYS B 213 16.41 11.12 21.44
C LYS B 213 16.31 10.15 22.63
N SER B 214 15.94 10.70 23.78
CA SER B 214 15.84 9.94 24.99
C SER B 214 14.73 10.36 25.92
N PHE B 215 14.50 9.52 26.92
CA PHE B 215 13.54 9.86 27.97
C PHE B 215 14.05 9.09 29.21
N ASN B 216 13.62 9.60 30.34
CA ASN B 216 13.97 9.03 31.62
C ASN B 216 12.65 8.65 32.29
N ARG B 217 12.63 7.46 32.88
CA ARG B 217 11.45 7.08 33.65
C ARG B 217 11.32 7.93 34.90
N ASN B 218 12.38 8.54 35.45
CA ASN B 218 12.27 9.36 36.65
C ASN B 218 11.72 10.75 36.40
N GLU B 219 11.18 11.03 35.21
CA GLU B 219 10.51 12.33 35.00
C GLU B 219 9.16 12.24 35.71
N CYS B 220 8.69 11.02 35.98
CA CYS B 220 7.57 10.76 36.86
C CYS B 220 8.13 10.51 38.26
S SO4 C . -15.05 -9.83 -28.61
O1 SO4 C . -14.43 -10.68 -27.56
O2 SO4 C . -16.54 -9.95 -28.55
O3 SO4 C . -14.50 -10.26 -29.93
O4 SO4 C . -14.73 -8.37 -28.38
#